data_7ZZA
#
_entry.id   7ZZA
#
_cell.length_a   62.840
_cell.length_b   74.171
_cell.length_c   118.537
_cell.angle_alpha   90.000
_cell.angle_beta   90.000
_cell.angle_gamma   90.000
#
_symmetry.space_group_name_H-M   'I 2 2 2'
#
loop_
_entity.id
_entity.type
_entity.pdbx_description
1 polymer 'NAD kinase 1'
2 non-polymer 'CITRIC ACID'
3 non-polymer '2-[[(2~{R},3~{S},4~{R},5~{R})-5-(6-aminopurin-9-yl)-3,4-bis(oxidanyl)oxolan-2-yl]methyl-[3-[6-azanyl-9-[(2~{R},3~{R},4~{S},5~{R})-5-[(3-azanylpropylcarbamoylamino)methyl]-3,4-bis(oxidanyl)oxolan-2-yl]purin-8-yl]prop-2-ynyl]amino]ethanoic acid'
4 water water
#
_entity_poly.entity_id   1
_entity_poly.type   'polypeptide(L)'
_entity_poly.pdbx_seq_one_letter_code
;MKYMITSKGDEKSDLLRLNMIAGFGEYDMEYDDVEPEIVISIGGDGTFLSAFHQYEERLDEIAFIGIHTGHLGFYADWRP
AEADKLVKLLAKGEYQKVSYPLLKTTVKYGIGKKEATYLALNESTVKSSGGPFVVDVVINDIHFERFRGDGLCMSTPSGT
TAYNKSLGGALMHPSIEAMQLTEMASINNRVYRTIGSPLVFPKHHVVSLQPVNDKDFQISVDHLSILHRDVQEIRYEVSA
KKIHFARFRSFPFWRRVHDSFIEDLEHHHHHH
;
_entity_poly.pdbx_strand_id   A
#
loop_
_chem_comp.id
_chem_comp.type
_chem_comp.name
_chem_comp.formula
CIT non-polymer 'CITRIC ACID' 'C6 H8 O7'
KH9 non-polymer '2-[[(2~{R},3~{S},4~{R},5~{R})-5-(6-aminopurin-9-yl)-3,4-bis(oxidanyl)oxolan-2-yl]methyl-[3-[6-azanyl-9-[(2~{R},3~{R},4~{S},5~{R})-5-[(3-azanylpropylcarbamoylamino)methyl]-3,4-bis(oxidanyl)oxolan-2-yl]purin-8-yl]prop-2-ynyl]amino]ethanoic acid' 'C29 H38 N14 O9'
#
# COMPACT_ATOMS: atom_id res chain seq x y z
N MET A 1 15.89 -13.02 -17.15
CA MET A 1 15.33 -13.39 -15.85
C MET A 1 13.86 -13.75 -15.98
N LYS A 2 13.31 -14.43 -14.99
CA LYS A 2 11.88 -14.69 -14.99
C LYS A 2 11.13 -13.38 -14.74
N TYR A 3 10.05 -13.18 -15.49
CA TYR A 3 9.28 -11.94 -15.45
C TYR A 3 7.84 -12.23 -15.79
N MET A 4 6.96 -11.29 -15.43
CA MET A 4 5.58 -11.32 -15.88
C MET A 4 5.07 -9.89 -15.97
N ILE A 5 3.94 -9.72 -16.66
CA ILE A 5 3.37 -8.40 -16.90
C ILE A 5 1.87 -8.46 -16.66
N THR A 6 1.38 -7.67 -15.70
CA THR A 6 -0.05 -7.48 -15.51
C THR A 6 -0.50 -6.24 -16.28
N SER A 7 -1.73 -6.29 -16.78
CA SER A 7 -2.30 -5.17 -17.53
C SER A 7 -3.63 -4.74 -16.93
N LYS A 8 -3.88 -3.42 -17.00
CA LYS A 8 -5.18 -2.89 -16.61
C LYS A 8 -6.31 -3.54 -17.38
N GLY A 9 -6.08 -3.92 -18.64
CA GLY A 9 -7.08 -4.64 -19.41
C GLY A 9 -7.80 -3.84 -20.46
N ASP A 10 -7.51 -2.55 -20.60
CA ASP A 10 -8.01 -1.80 -21.74
C ASP A 10 -7.10 -2.03 -22.94
N GLU A 11 -7.50 -1.47 -24.09
CA GLU A 11 -6.77 -1.72 -25.33
C GLU A 11 -5.34 -1.21 -25.24
N LYS A 12 -5.14 -0.01 -24.70
CA LYS A 12 -3.81 0.57 -24.63
C LYS A 12 -2.85 -0.31 -23.82
N SER A 13 -3.30 -0.76 -22.66
CA SER A 13 -2.42 -1.51 -21.77
C SER A 13 -2.16 -2.91 -22.30
N ASP A 14 -3.18 -3.56 -22.86
CA ASP A 14 -2.99 -4.90 -23.41
C ASP A 14 -2.00 -4.89 -24.57
N LEU A 15 -2.11 -3.92 -25.47
CA LEU A 15 -1.18 -3.86 -26.59
C LEU A 15 0.21 -3.46 -26.15
N LEU A 16 0.32 -2.63 -25.11
CA LEU A 16 1.65 -2.31 -24.59
C LEU A 16 2.31 -3.55 -24.00
N ARG A 17 1.56 -4.33 -23.24
CA ARG A 17 2.10 -5.56 -22.67
C ARG A 17 2.52 -6.55 -23.76
N LEU A 18 1.71 -6.69 -24.81
CA LEU A 18 2.07 -7.59 -25.89
C LEU A 18 3.37 -7.16 -26.58
N ASN A 19 3.55 -5.85 -26.75
CA ASN A 19 4.76 -5.35 -27.40
C ASN A 19 5.99 -5.53 -26.53
N MET A 20 5.84 -5.42 -25.21
CA MET A 20 6.96 -5.66 -24.32
C MET A 20 7.32 -7.15 -24.29
N ILE A 21 6.31 -8.02 -24.26
CA ILE A 21 6.57 -9.46 -24.36
C ILE A 21 7.32 -9.78 -25.65
N ALA A 22 6.85 -9.22 -26.77
CA ALA A 22 7.57 -9.39 -28.02
C ALA A 22 9.00 -8.86 -27.92
N GLY A 23 9.17 -7.71 -27.27
CA GLY A 23 10.51 -7.18 -27.08
C GLY A 23 11.35 -8.06 -26.16
N PHE A 24 10.76 -8.56 -25.09
CA PHE A 24 11.47 -9.44 -24.17
C PHE A 24 11.91 -10.73 -24.84
N GLY A 25 11.16 -11.18 -25.84
CA GLY A 25 11.54 -12.39 -26.57
C GLY A 25 12.90 -12.31 -27.22
N GLU A 26 13.43 -11.10 -27.43
CA GLU A 26 14.74 -10.92 -28.03
C GLU A 26 15.87 -10.96 -27.01
N TYR A 27 15.62 -11.42 -25.79
CA TYR A 27 16.63 -11.52 -24.75
C TYR A 27 16.43 -12.81 -23.96
N ASP A 28 17.43 -13.17 -23.16
CA ASP A 28 17.29 -14.30 -22.23
C ASP A 28 16.31 -13.92 -21.13
N MET A 29 15.03 -13.85 -21.48
CA MET A 29 13.97 -13.56 -20.53
C MET A 29 12.85 -14.57 -20.75
N GLU A 30 12.42 -15.22 -19.69
CA GLU A 30 11.37 -16.23 -19.73
C GLU A 30 10.13 -15.63 -19.06
N TYR A 31 9.01 -15.62 -19.78
CA TYR A 31 7.75 -15.22 -19.19
C TYR A 31 7.29 -16.30 -18.22
N ASP A 32 7.13 -15.93 -16.95
CA ASP A 32 6.70 -16.87 -15.92
C ASP A 32 5.89 -16.09 -14.91
N ASP A 33 4.58 -16.34 -14.83
CA ASP A 33 3.73 -15.65 -13.88
C ASP A 33 3.50 -16.47 -12.60
N VAL A 34 4.24 -17.57 -12.42
CA VAL A 34 4.17 -18.34 -11.19
C VAL A 34 5.28 -17.89 -10.24
N GLU A 35 6.52 -17.93 -10.72
CA GLU A 35 7.68 -17.50 -9.94
C GLU A 35 8.50 -16.44 -10.68
N PRO A 36 7.92 -15.27 -10.95
CA PRO A 36 8.71 -14.21 -11.58
C PRO A 36 9.70 -13.58 -10.60
N GLU A 37 10.81 -13.10 -11.15
CA GLU A 37 11.71 -12.22 -10.41
C GLU A 37 11.43 -10.76 -10.69
N ILE A 38 10.76 -10.46 -11.80
CA ILE A 38 10.37 -9.10 -12.15
C ILE A 38 8.89 -9.11 -12.47
N VAL A 39 8.16 -8.18 -11.86
CA VAL A 39 6.72 -8.05 -12.07
C VAL A 39 6.48 -6.64 -12.59
N ILE A 40 6.03 -6.54 -13.83
CA ILE A 40 5.71 -5.25 -14.44
C ILE A 40 4.21 -5.06 -14.40
N SER A 41 3.79 -3.84 -14.07
CA SER A 41 2.39 -3.49 -13.95
C SER A 41 2.10 -2.36 -14.93
N ILE A 42 1.13 -2.58 -15.82
CA ILE A 42 0.79 -1.62 -16.86
C ILE A 42 -0.63 -1.13 -16.58
N GLY A 43 -0.75 0.08 -16.11
CA GLY A 43 -2.04 0.66 -15.80
C GLY A 43 -1.90 1.78 -14.78
N GLY A 44 -2.83 1.82 -13.82
CA GLY A 44 -2.81 2.81 -12.77
C GLY A 44 -2.23 2.27 -11.48
N ASP A 45 -2.38 3.06 -10.42
CA ASP A 45 -1.95 2.61 -9.09
C ASP A 45 -2.81 1.44 -8.62
N GLY A 46 -4.10 1.45 -8.96
CA GLY A 46 -4.94 0.30 -8.69
C GLY A 46 -4.38 -0.98 -9.29
N THR A 47 -3.88 -0.88 -10.54
CA THR A 47 -3.26 -2.02 -11.19
C THR A 47 -1.98 -2.43 -10.48
N PHE A 48 -1.16 -1.46 -10.08
CA PHE A 48 0.05 -1.82 -9.36
C PHE A 48 -0.28 -2.45 -8.01
N LEU A 49 -1.30 -1.92 -7.33
CA LEU A 49 -1.74 -2.50 -6.05
C LEU A 49 -2.16 -3.96 -6.22
N SER A 50 -2.86 -4.26 -7.31
CA SER A 50 -3.28 -5.64 -7.55
C SER A 50 -2.10 -6.54 -7.88
N ALA A 51 -1.07 -6.00 -8.54
CA ALA A 51 0.13 -6.78 -8.82
C ALA A 51 0.87 -7.12 -7.53
N PHE A 52 0.95 -6.17 -6.61
CA PHE A 52 1.59 -6.41 -5.31
C PHE A 52 0.89 -7.53 -4.56
N HIS A 53 -0.45 -7.49 -4.51
CA HIS A 53 -1.18 -8.47 -3.72
C HIS A 53 -1.25 -9.83 -4.40
N GLN A 54 -1.13 -9.87 -5.72
CA GLN A 54 -1.02 -11.15 -6.43
C GLN A 54 0.23 -11.90 -6.02
N TYR A 55 1.31 -11.19 -5.67
CA TYR A 55 2.59 -11.83 -5.36
C TYR A 55 3.09 -11.47 -3.95
N GLU A 56 2.18 -11.29 -3.00
CA GLU A 56 2.65 -10.87 -1.67
C GLU A 56 3.33 -11.98 -0.89
N GLU A 57 3.24 -13.23 -1.33
CA GLU A 57 3.99 -14.32 -0.70
C GLU A 57 5.42 -14.42 -1.19
N ARG A 58 5.79 -13.72 -2.25
CA ARG A 58 7.14 -13.79 -2.79
C ARG A 58 7.79 -12.41 -2.85
N LEU A 59 7.38 -11.51 -1.96
CA LEU A 59 7.90 -10.15 -1.95
C LEU A 59 9.43 -10.13 -1.88
N ASP A 60 10.02 -11.10 -1.19
CA ASP A 60 11.47 -11.08 -1.05
C ASP A 60 12.21 -11.44 -2.34
N GLU A 61 11.53 -12.09 -3.30
CA GLU A 61 12.20 -12.57 -4.51
C GLU A 61 11.77 -11.81 -5.76
N ILE A 62 11.17 -10.63 -5.60
CA ILE A 62 10.55 -9.92 -6.72
C ILE A 62 10.91 -8.44 -6.64
N ALA A 63 11.23 -7.86 -7.79
CA ALA A 63 11.32 -6.40 -7.94
C ALA A 63 10.20 -5.94 -8.86
N PHE A 64 9.49 -4.91 -8.44
CA PHE A 64 8.32 -4.40 -9.14
C PHE A 64 8.69 -3.19 -9.99
N ILE A 65 7.96 -3.01 -11.09
CA ILE A 65 8.09 -1.87 -11.99
C ILE A 65 6.70 -1.45 -12.45
N GLY A 66 6.39 -0.16 -12.36
CA GLY A 66 5.10 0.36 -12.77
C GLY A 66 5.22 1.22 -14.03
N ILE A 67 4.31 0.98 -14.97
CA ILE A 67 4.15 1.80 -16.16
C ILE A 67 2.74 2.40 -16.11
N HIS A 68 2.63 3.72 -16.10
CA HIS A 68 1.32 4.34 -16.04
C HIS A 68 0.86 4.74 -17.43
N THR A 69 -0.32 4.24 -17.81
CA THR A 69 -0.92 4.53 -19.09
C THR A 69 -1.93 5.66 -19.01
N GLY A 70 -2.37 6.03 -17.80
CA GLY A 70 -3.12 7.24 -17.58
C GLY A 70 -2.22 8.38 -17.10
N HIS A 71 -2.87 9.49 -16.78
CA HIS A 71 -2.19 10.62 -16.14
C HIS A 71 -2.31 10.44 -14.64
N LEU A 72 -1.34 9.72 -14.06
CA LEU A 72 -1.27 9.48 -12.62
C LEU A 72 -0.05 8.66 -12.26
N GLY A 73 -0.27 7.59 -11.50
CA GLY A 73 0.75 6.59 -11.27
C GLY A 73 1.80 6.97 -10.25
N PHE A 74 1.43 7.00 -8.97
CA PHE A 74 2.44 7.29 -7.96
C PHE A 74 3.43 6.14 -7.86
N TYR A 75 2.97 4.91 -7.99
CA TYR A 75 3.91 3.80 -7.98
C TYR A 75 4.53 3.54 -9.36
N ALA A 76 4.15 4.31 -10.38
CA ALA A 76 4.74 4.18 -11.72
C ALA A 76 5.98 5.04 -11.85
N ASP A 77 6.99 4.49 -12.54
CA ASP A 77 8.20 5.23 -12.88
C ASP A 77 8.35 5.47 -14.37
N TRP A 78 7.44 4.96 -15.19
CA TRP A 78 7.67 4.94 -16.64
C TRP A 78 6.39 5.29 -17.38
N ARG A 79 6.53 6.10 -18.42
CA ARG A 79 5.45 6.35 -19.37
C ARG A 79 5.48 5.31 -20.48
N PRO A 80 4.37 5.09 -21.16
CA PRO A 80 4.34 4.06 -22.22
C PRO A 80 5.36 4.26 -23.33
N ALA A 81 5.84 5.49 -23.53
CA ALA A 81 6.77 5.75 -24.63
C ALA A 81 8.19 5.26 -24.32
N GLU A 82 8.52 5.06 -23.05
CA GLU A 82 9.83 4.59 -22.64
C GLU A 82 9.90 3.07 -22.53
N ALA A 83 8.85 2.35 -22.96
CA ALA A 83 8.76 0.93 -22.69
C ALA A 83 9.86 0.13 -23.37
N ASP A 84 10.24 0.50 -24.60
CA ASP A 84 11.35 -0.18 -25.27
C ASP A 84 12.65 0.01 -24.53
N LYS A 85 12.92 1.22 -24.05
CA LYS A 85 14.13 1.45 -23.26
C LYS A 85 14.08 0.70 -21.94
N LEU A 86 12.86 0.48 -21.42
CA LEU A 86 12.72 -0.29 -20.19
C LEU A 86 13.05 -1.76 -20.43
N VAL A 87 12.53 -2.33 -21.52
CA VAL A 87 12.86 -3.72 -21.87
C VAL A 87 14.37 -3.88 -21.93
N LYS A 88 15.03 -2.98 -22.68
CA LYS A 88 16.47 -3.10 -22.92
C LYS A 88 17.27 -2.97 -21.63
N LEU A 89 16.96 -1.98 -20.81
CA LEU A 89 17.69 -1.82 -19.55
C LEU A 89 17.41 -2.97 -18.60
N LEU A 90 16.16 -3.43 -18.54
CA LEU A 90 15.82 -4.55 -17.68
C LEU A 90 16.49 -5.83 -18.14
N ALA A 91 16.61 -6.02 -19.46
CA ALA A 91 17.31 -7.20 -19.98
C ALA A 91 18.78 -7.16 -19.62
N LYS A 92 19.45 -6.04 -19.89
CA LYS A 92 20.85 -5.89 -19.49
C LYS A 92 21.01 -5.91 -17.98
N GLY A 93 19.94 -5.73 -17.22
CA GLY A 93 20.03 -5.81 -15.77
C GLY A 93 20.74 -4.61 -15.19
N GLU A 94 21.54 -4.86 -14.16
CA GLU A 94 22.36 -3.84 -13.50
C GLU A 94 21.51 -2.69 -12.95
N TYR A 95 20.24 -2.96 -12.69
CA TYR A 95 19.40 -1.98 -12.01
C TYR A 95 19.71 -1.99 -10.52
N GLN A 96 19.26 -0.93 -9.85
CA GLN A 96 19.34 -0.83 -8.39
C GLN A 96 17.95 -1.07 -7.81
N LYS A 97 17.88 -1.84 -6.73
CA LYS A 97 16.62 -2.12 -6.05
C LYS A 97 16.47 -1.21 -4.84
N VAL A 98 15.28 -0.64 -4.69
CA VAL A 98 14.92 0.15 -3.52
C VAL A 98 13.76 -0.56 -2.82
N SER A 99 13.66 -0.37 -1.51
CA SER A 99 12.65 -1.05 -0.70
C SER A 99 11.81 -0.02 0.05
N TYR A 100 10.48 -0.20 0.03
CA TYR A 100 9.60 0.61 0.86
C TYR A 100 8.98 -0.25 1.97
N PRO A 101 8.72 0.34 3.13
CA PRO A 101 8.10 -0.42 4.23
C PRO A 101 6.66 -0.77 3.93
N LEU A 102 6.16 -1.78 4.64
CA LEU A 102 4.79 -2.23 4.51
C LEU A 102 4.16 -2.29 5.89
N LEU A 103 2.83 -2.40 5.91
CA LEU A 103 2.05 -2.44 7.14
C LEU A 103 1.44 -3.82 7.34
N LYS A 104 1.62 -4.37 8.52
CA LYS A 104 1.00 -5.64 8.90
C LYS A 104 -0.28 -5.36 9.69
N THR A 105 -1.38 -5.94 9.24
CA THR A 105 -2.64 -5.89 9.99
C THR A 105 -2.96 -7.29 10.47
N THR A 106 -3.22 -7.43 11.77
CA THR A 106 -3.66 -8.69 12.33
C THR A 106 -5.06 -8.50 12.90
N VAL A 107 -5.96 -9.41 12.53
CA VAL A 107 -7.36 -9.39 12.96
C VAL A 107 -7.62 -10.67 13.74
N LYS A 108 -8.04 -10.51 15.00
CA LYS A 108 -8.32 -11.64 15.87
C LYS A 108 -9.81 -11.77 16.10
N TYR A 109 -10.27 -13.01 16.24
CA TYR A 109 -11.66 -13.37 16.48
C TYR A 109 -11.75 -14.27 17.71
N GLY A 110 -12.96 -14.79 17.95
CA GLY A 110 -13.18 -15.74 19.03
C GLY A 110 -13.88 -17.00 18.55
N LYS A 114 -8.99 -17.77 16.38
CA LYS A 114 -8.84 -17.49 14.94
C LYS A 114 -8.15 -16.15 14.70
N GLU A 115 -7.22 -16.13 13.74
CA GLU A 115 -6.42 -14.95 13.45
C GLU A 115 -6.21 -14.84 11.94
N ALA A 116 -6.20 -13.61 11.44
CA ALA A 116 -5.94 -13.34 10.04
C ALA A 116 -4.97 -12.17 9.93
N THR A 117 -3.93 -12.32 9.12
CA THR A 117 -2.98 -11.25 8.85
C THR A 117 -3.10 -10.78 7.40
N TYR A 118 -2.90 -9.48 7.21
CA TYR A 118 -2.89 -8.88 5.88
C TYR A 118 -1.69 -7.95 5.78
N LEU A 119 -1.24 -7.75 4.55
CA LEU A 119 -0.13 -6.84 4.24
C LEU A 119 -0.67 -5.71 3.37
N ALA A 120 -0.35 -4.48 3.72
CA ALA A 120 -0.81 -3.31 2.98
C ALA A 120 0.37 -2.52 2.44
N LEU A 121 0.26 -2.10 1.18
CA LEU A 121 1.23 -1.19 0.56
C LEU A 121 0.82 0.27 0.74
N ASN A 122 -0.49 0.56 0.70
CA ASN A 122 -0.97 1.92 0.94
C ASN A 122 -1.42 2.09 2.38
N GLU A 123 -2.50 1.40 2.77
CA GLU A 123 -3.04 1.59 4.11
C GLU A 123 -4.02 0.47 4.46
N SER A 124 -4.40 0.44 5.73
CA SER A 124 -5.48 -0.40 6.22
C SER A 124 -6.43 0.50 7.01
N THR A 125 -7.73 0.41 6.71
CA THR A 125 -8.72 1.24 7.39
C THR A 125 -9.79 0.38 8.06
N VAL A 126 -10.41 0.97 9.08
CA VAL A 126 -11.43 0.32 9.88
C VAL A 126 -12.61 1.26 9.98
N LYS A 127 -13.80 0.76 9.65
CA LYS A 127 -15.06 1.47 9.86
C LYS A 127 -16.05 0.52 10.50
N SER A 128 -17.21 1.04 10.89
CA SER A 128 -18.22 0.21 11.50
C SER A 128 -19.09 -0.45 10.45
N SER A 129 -19.73 -1.56 10.83
CA SER A 129 -20.64 -2.30 9.96
C SER A 129 -22.05 -1.72 10.02
N GLY A 130 -22.15 -0.46 9.65
CA GLY A 130 -23.42 0.24 9.68
C GLY A 130 -23.72 1.03 10.93
N GLY A 131 -23.45 0.44 12.10
CA GLY A 131 -23.73 1.10 13.35
C GLY A 131 -22.75 2.20 13.68
N PRO A 132 -22.63 2.55 14.96
CA PRO A 132 -21.66 3.57 15.37
C PRO A 132 -20.31 2.96 15.67
N PHE A 133 -19.27 3.63 15.17
CA PHE A 133 -17.90 3.16 15.34
C PHE A 133 -17.31 3.71 16.64
N VAL A 134 -17.01 2.82 17.58
CA VAL A 134 -16.33 3.19 18.83
C VAL A 134 -15.29 2.13 19.13
N VAL A 135 -14.01 2.53 19.20
CA VAL A 135 -12.95 1.60 19.56
C VAL A 135 -12.01 2.27 20.55
N ASP A 136 -11.48 1.46 21.46
CA ASP A 136 -10.39 1.87 22.34
C ASP A 136 -9.08 1.67 21.61
N VAL A 137 -8.22 2.68 21.65
CA VAL A 137 -6.95 2.68 20.94
C VAL A 137 -5.85 2.43 21.97
N VAL A 138 -5.14 1.32 21.80
CA VAL A 138 -4.15 0.86 22.77
C VAL A 138 -2.80 0.83 22.06
N ILE A 139 -1.85 1.62 22.57
CA ILE A 139 -0.52 1.71 22.00
C ILE A 139 0.45 1.03 22.95
N ASN A 140 1.11 -0.03 22.48
CA ASN A 140 2.07 -0.79 23.26
C ASN A 140 1.49 -1.13 24.64
N ASP A 141 0.24 -1.60 24.64
CA ASP A 141 -0.54 -2.02 25.81
C ASP A 141 -0.98 -0.86 26.71
N ILE A 142 -0.88 0.38 26.25
CA ILE A 142 -1.31 1.53 27.02
C ILE A 142 -2.58 2.09 26.40
N HIS A 143 -3.65 2.21 27.19
CA HIS A 143 -4.89 2.76 26.67
CA HIS A 143 -4.89 2.75 26.69
C HIS A 143 -4.71 4.23 26.40
N PHE A 144 -4.72 4.60 25.12
CA PHE A 144 -4.46 5.95 24.68
C PHE A 144 -5.71 6.81 24.53
N GLU A 145 -6.77 6.26 23.95
CA GLU A 145 -7.99 7.04 23.71
C GLU A 145 -9.12 6.09 23.37
N ARG A 146 -10.34 6.59 23.49
CA ARG A 146 -11.53 5.93 22.97
C ARG A 146 -12.01 6.74 21.76
N PHE A 147 -11.90 6.14 20.57
CA PHE A 147 -12.23 6.85 19.33
C PHE A 147 -13.70 6.64 18.96
N ARG A 148 -14.41 7.74 18.80
CA ARG A 148 -15.77 7.74 18.27
C ARG A 148 -15.77 8.59 17.00
N GLY A 149 -16.35 8.07 15.93
CA GLY A 149 -16.33 8.75 14.66
C GLY A 149 -16.54 7.77 13.52
N ASP A 150 -16.03 8.14 12.34
CA ASP A 150 -16.29 7.34 11.15
C ASP A 150 -15.35 6.15 11.03
N GLY A 151 -14.09 6.33 11.39
CA GLY A 151 -13.13 5.26 11.25
C GLY A 151 -11.72 5.76 11.46
N LEU A 152 -10.78 4.83 11.28
CA LEU A 152 -9.36 5.12 11.40
C LEU A 152 -8.62 4.59 10.18
N CYS A 153 -7.50 5.23 9.86
CA CYS A 153 -6.68 4.86 8.70
C CYS A 153 -5.23 4.75 9.15
N MET A 154 -4.62 3.60 8.90
CA MET A 154 -3.21 3.38 9.21
C MET A 154 -2.46 3.23 7.90
N SER A 155 -1.45 4.08 7.69
CA SER A 155 -0.81 4.24 6.39
C SER A 155 0.67 3.87 6.48
N THR A 156 1.18 3.24 5.42
CA THR A 156 2.60 3.11 5.21
C THR A 156 3.18 4.47 4.81
N PRO A 157 4.51 4.59 4.72
CA PRO A 157 5.07 5.84 4.19
C PRO A 157 4.65 6.12 2.75
N SER A 158 4.72 5.12 1.85
CA SER A 158 4.29 5.41 0.48
C SER A 158 2.79 5.56 0.37
N GLY A 159 2.03 5.04 1.33
CA GLY A 159 0.61 5.34 1.38
C GLY A 159 0.27 6.74 1.87
N THR A 160 1.23 7.48 2.42
CA THR A 160 0.86 8.78 3.00
C THR A 160 0.36 9.76 1.96
N THR A 161 0.71 9.58 0.68
CA THR A 161 0.18 10.45 -0.37
C THR A 161 -1.17 9.99 -0.90
N ALA A 162 -1.76 8.94 -0.35
CA ALA A 162 -3.01 8.40 -0.84
C ALA A 162 -4.14 8.77 0.13
N TYR A 163 -4.92 7.84 0.64
CA TYR A 163 -6.03 8.14 1.54
C TYR A 163 -5.59 8.99 2.73
N ASN A 164 -4.43 8.63 3.32
CA ASN A 164 -3.88 9.36 4.44
C ASN A 164 -3.80 10.86 4.17
N LYS A 165 -3.41 11.24 2.94
CA LYS A 165 -3.28 12.66 2.63
C LYS A 165 -4.62 13.36 2.70
N SER A 166 -5.68 12.74 2.17
CA SER A 166 -7.00 13.32 2.16
C SER A 166 -7.58 13.45 3.56
N LEU A 167 -7.04 12.71 4.52
CA LEU A 167 -7.48 12.79 5.90
C LEU A 167 -6.66 13.78 6.71
N GLY A 168 -5.79 14.55 6.07
CA GLY A 168 -4.97 15.52 6.76
C GLY A 168 -3.64 14.99 7.25
N GLY A 169 -3.29 13.75 6.93
CA GLY A 169 -2.04 13.19 7.40
C GLY A 169 -0.83 13.82 6.75
N ALA A 170 0.33 13.56 7.35
CA ALA A 170 1.60 14.04 6.86
C ALA A 170 2.17 13.11 5.78
N LEU A 171 2.90 13.69 4.84
CA LEU A 171 3.62 12.91 3.84
C LEU A 171 4.99 12.56 4.38
N MET A 172 5.34 11.28 4.37
CA MET A 172 6.55 10.78 5.01
C MET A 172 7.43 10.13 3.96
N HIS A 173 8.71 10.46 3.98
CA HIS A 173 9.64 9.83 3.07
C HIS A 173 9.71 8.33 3.35
N PRO A 174 9.72 7.48 2.31
CA PRO A 174 9.63 6.04 2.52
C PRO A 174 10.85 5.41 3.17
N SER A 175 11.96 6.13 3.30
CA SER A 175 13.10 5.60 4.03
C SER A 175 12.85 5.53 5.53
N ILE A 176 11.76 6.13 6.00
CA ILE A 176 11.38 6.11 7.40
C ILE A 176 10.51 4.88 7.64
N GLU A 177 11.00 3.96 8.46
CA GLU A 177 10.27 2.74 8.76
C GLU A 177 9.22 3.07 9.82
N ALA A 178 8.03 3.45 9.36
CA ALA A 178 6.99 3.92 10.24
C ALA A 178 5.62 3.62 9.63
N MET A 179 4.58 3.86 10.43
CA MET A 179 3.20 3.82 9.99
C MET A 179 2.49 5.01 10.63
N GLN A 180 1.43 5.48 9.97
CA GLN A 180 0.79 6.73 10.40
C GLN A 180 -0.71 6.53 10.52
N LEU A 181 -1.24 6.91 11.68
CA LEU A 181 -2.65 6.74 12.00
C LEU A 181 -3.38 8.07 11.88
N THR A 182 -4.45 8.10 11.09
CA THR A 182 -5.25 9.30 10.91
C THR A 182 -6.69 9.02 11.29
N GLU A 183 -7.36 10.06 11.76
CA GLU A 183 -8.76 9.96 12.16
C GLU A 183 -9.68 10.29 10.99
N MET A 184 -10.84 9.63 10.97
CA MET A 184 -11.91 9.97 10.04
C MET A 184 -13.08 10.52 10.85
N ALA A 185 -13.25 11.84 10.82
CA ALA A 185 -14.42 12.52 11.39
C ALA A 185 -14.66 12.11 12.85
N SER A 186 -13.70 12.43 13.70
CA SER A 186 -13.83 12.11 15.11
C SER A 186 -14.81 13.06 15.79
N ILE A 187 -15.54 12.51 16.77
CA ILE A 187 -16.41 13.31 17.62
C ILE A 187 -15.59 13.86 18.77
N ASN A 188 -15.62 15.18 18.95
CA ASN A 188 -14.94 15.80 20.08
C ASN A 188 -15.87 16.83 20.70
N ASN A 189 -16.25 16.57 21.95
CA ASN A 189 -17.01 17.53 22.75
C ASN A 189 -16.41 17.46 24.15
N ARG A 190 -17.16 17.97 25.13
CA ARG A 190 -16.63 17.96 26.49
C ARG A 190 -16.64 16.57 27.11
N VAL A 191 -17.34 15.60 26.54
CA VAL A 191 -17.33 14.24 27.09
C VAL A 191 -16.51 13.29 26.22
N TYR A 192 -16.39 13.55 24.92
CA TYR A 192 -15.67 12.67 24.02
C TYR A 192 -14.43 13.38 23.49
N ARG A 193 -13.26 12.75 23.64
CA ARG A 193 -11.99 13.38 23.30
C ARG A 193 -11.09 12.39 22.57
N THR A 194 -10.60 12.80 21.40
CA THR A 194 -9.52 12.10 20.71
C THR A 194 -8.36 13.06 20.52
N ILE A 195 -7.23 12.52 20.08
CA ILE A 195 -6.04 13.36 19.97
C ILE A 195 -6.17 14.32 18.79
N GLY A 196 -6.94 13.94 17.77
CA GLY A 196 -7.10 14.77 16.59
C GLY A 196 -5.96 14.60 15.62
N SER A 197 -4.75 14.89 16.07
CA SER A 197 -3.59 14.88 15.22
C SER A 197 -3.31 13.49 14.66
N PRO A 198 -2.75 13.41 13.45
CA PRO A 198 -2.15 12.15 13.00
C PRO A 198 -1.06 11.71 13.96
N LEU A 199 -0.88 10.40 14.08
CA LEU A 199 0.15 9.82 14.91
C LEU A 199 1.10 8.99 14.06
N VAL A 200 2.40 9.18 14.25
CA VAL A 200 3.41 8.45 13.50
C VAL A 200 4.16 7.55 14.46
N PHE A 201 4.15 6.24 14.16
CA PHE A 201 4.68 5.17 14.98
C PHE A 201 5.90 4.53 14.34
N PRO A 202 6.93 4.22 15.11
CA PRO A 202 8.10 3.56 14.56
C PRO A 202 7.88 2.05 14.47
N LYS A 203 8.85 1.37 13.87
CA LYS A 203 8.88 -0.08 13.91
C LYS A 203 8.79 -0.57 15.35
N HIS A 204 8.21 -1.77 15.51
CA HIS A 204 8.10 -2.46 16.79
C HIS A 204 7.07 -1.85 17.74
N HIS A 205 6.48 -0.71 17.38
CA HIS A 205 5.32 -0.21 18.12
C HIS A 205 4.07 -0.91 17.61
N VAL A 206 3.19 -1.29 18.52
CA VAL A 206 1.98 -2.03 18.18
C VAL A 206 0.77 -1.16 18.52
N VAL A 207 -0.06 -0.89 17.53
CA VAL A 207 -1.33 -0.21 17.76
C VAL A 207 -2.44 -1.25 17.65
N SER A 208 -3.20 -1.38 18.74
CA SER A 208 -4.32 -2.31 18.82
C SER A 208 -5.61 -1.51 18.89
N LEU A 209 -6.62 -1.93 18.14
CA LEU A 209 -7.96 -1.38 18.23
C LEU A 209 -8.86 -2.42 18.86
N GLN A 210 -9.57 -2.03 19.92
CA GLN A 210 -10.37 -3.00 20.66
C GLN A 210 -11.81 -2.53 20.74
N PRO A 211 -12.78 -3.40 20.41
CA PRO A 211 -14.18 -2.97 20.37
C PRO A 211 -14.69 -2.58 21.74
N VAL A 212 -15.74 -1.77 21.74
CA VAL A 212 -16.38 -1.29 22.95
C VAL A 212 -17.81 -1.80 23.06
N ASN A 213 -18.57 -1.74 21.97
CA ASN A 213 -19.88 -2.36 21.94
C ASN A 213 -19.98 -3.30 20.74
N ASP A 214 -20.30 -2.77 19.57
CA ASP A 214 -20.33 -3.59 18.36
C ASP A 214 -18.96 -4.23 18.13
N LYS A 215 -18.96 -5.47 17.64
CA LYS A 215 -17.74 -6.18 17.30
C LYS A 215 -17.61 -6.45 15.80
N ASP A 216 -18.47 -5.85 14.97
CA ASP A 216 -18.43 -6.03 13.52
C ASP A 216 -17.86 -4.76 12.86
N PHE A 217 -16.90 -4.95 11.97
CA PHE A 217 -16.20 -3.83 11.35
C PHE A 217 -15.95 -4.10 9.88
N GLN A 218 -15.96 -3.05 9.08
CA GLN A 218 -15.47 -3.09 7.71
C GLN A 218 -13.99 -2.76 7.72
N ILE A 219 -13.16 -3.70 7.31
CA ILE A 219 -11.71 -3.52 7.28
C ILE A 219 -11.26 -3.52 5.84
N SER A 220 -10.55 -2.46 5.45
CA SER A 220 -9.96 -2.37 4.12
C SER A 220 -8.46 -2.58 4.21
N VAL A 221 -7.91 -3.23 3.19
CA VAL A 221 -6.48 -3.37 2.99
C VAL A 221 -6.24 -2.99 1.54
N ASP A 222 -5.65 -1.81 1.33
CA ASP A 222 -5.52 -1.26 -0.02
C ASP A 222 -6.92 -1.24 -0.63
N HIS A 223 -7.14 -1.84 -1.80
CA HIS A 223 -8.46 -1.80 -2.43
CA HIS A 223 -8.47 -1.79 -2.41
C HIS A 223 -9.44 -2.81 -1.83
N LEU A 224 -8.96 -3.87 -1.19
CA LEU A 224 -9.82 -4.92 -0.67
C LEU A 224 -10.52 -4.47 0.61
N SER A 225 -11.85 -4.60 0.63
CA SER A 225 -12.66 -4.23 1.78
C SER A 225 -13.52 -5.42 2.18
N ILE A 226 -13.35 -5.89 3.41
CA ILE A 226 -14.04 -7.09 3.92
C ILE A 226 -14.75 -6.75 5.21
N LEU A 227 -15.98 -7.26 5.36
CA LEU A 227 -16.67 -7.18 6.65
C LEU A 227 -16.22 -8.35 7.52
N HIS A 228 -15.69 -8.03 8.69
CA HIS A 228 -15.26 -9.02 9.65
C HIS A 228 -16.22 -9.03 10.83
N ARG A 229 -16.60 -10.23 11.28
CA ARG A 229 -17.52 -10.39 12.38
C ARG A 229 -16.78 -11.02 13.57
N ASP A 230 -17.31 -10.75 14.77
CA ASP A 230 -16.77 -11.29 16.02
C ASP A 230 -15.30 -10.90 16.21
N VAL A 231 -14.97 -9.66 15.89
CA VAL A 231 -13.61 -9.17 16.02
C VAL A 231 -13.32 -8.85 17.47
N GLN A 232 -12.19 -9.36 17.98
CA GLN A 232 -11.73 -9.03 19.32
C GLN A 232 -10.65 -7.97 19.34
N GLU A 233 -9.92 -7.80 18.24
CA GLU A 233 -8.76 -6.92 18.19
C GLU A 233 -8.27 -6.74 16.77
N ILE A 234 -7.86 -5.53 16.41
CA ILE A 234 -7.18 -5.25 15.16
C ILE A 234 -5.82 -4.67 15.52
N ARG A 235 -4.75 -5.30 15.02
CA ARG A 235 -3.39 -5.01 15.46
C ARG A 235 -2.56 -4.50 14.30
N TYR A 236 -1.99 -3.31 14.44
CA TYR A 236 -1.17 -2.68 13.42
C TYR A 236 0.28 -2.60 13.87
N GLU A 237 1.19 -3.00 12.98
CA GLU A 237 2.62 -2.80 13.20
C GLU A 237 3.29 -2.66 11.85
N VAL A 238 4.46 -2.02 11.86
CA VAL A 238 5.29 -2.03 10.67
C VAL A 238 5.72 -3.45 10.40
N SER A 239 5.49 -3.91 9.17
CA SER A 239 5.87 -5.26 8.78
C SER A 239 7.40 -5.40 8.77
N ALA A 240 7.85 -6.65 8.93
CA ALA A 240 9.24 -6.96 8.66
C ALA A 240 9.50 -7.14 7.17
N LYS A 241 8.44 -7.35 6.38
CA LYS A 241 8.57 -7.51 4.95
C LYS A 241 8.59 -6.15 4.24
N LYS A 242 9.24 -6.11 3.09
CA LYS A 242 9.38 -4.89 2.32
C LYS A 242 9.10 -5.17 0.85
N ILE A 243 8.54 -4.18 0.15
CA ILE A 243 8.37 -4.25 -1.29
C ILE A 243 9.60 -3.66 -1.94
N HIS A 244 10.09 -4.34 -2.98
CA HIS A 244 11.30 -3.92 -3.68
C HIS A 244 10.94 -3.43 -5.08
N PHE A 245 11.47 -2.27 -5.46
CA PHE A 245 11.29 -1.70 -6.78
C PHE A 245 12.59 -1.76 -7.55
N ALA A 246 12.51 -2.15 -8.82
CA ALA A 246 13.64 -1.99 -9.73
C ALA A 246 13.72 -0.54 -10.16
N ARG A 247 14.86 0.10 -9.91
CA ARG A 247 15.08 1.49 -10.29
C ARG A 247 16.20 1.56 -11.32
N PHE A 248 15.91 2.23 -12.44
CA PHE A 248 16.87 2.38 -13.52
C PHE A 248 17.38 3.81 -13.65
N ARG A 249 16.82 4.75 -12.91
CA ARG A 249 17.24 6.14 -12.95
C ARG A 249 16.73 6.82 -11.69
N SER A 250 17.26 8.00 -11.40
CA SER A 250 16.81 8.74 -10.24
C SER A 250 15.45 9.36 -10.53
N PHE A 251 14.48 9.03 -9.70
CA PHE A 251 13.20 9.72 -9.65
C PHE A 251 12.86 9.85 -8.18
N PRO A 252 13.37 10.89 -7.52
CA PRO A 252 13.26 10.98 -6.06
C PRO A 252 11.82 11.11 -5.58
N PHE A 253 11.59 10.62 -4.37
CA PHE A 253 10.25 10.63 -3.78
C PHE A 253 9.66 12.03 -3.76
N TRP A 254 10.45 13.03 -3.35
CA TRP A 254 9.88 14.38 -3.27
C TRP A 254 9.64 15.00 -4.65
N ARG A 255 10.40 14.61 -5.67
CA ARG A 255 10.03 15.04 -7.02
C ARG A 255 8.76 14.34 -7.49
N ARG A 256 8.64 13.05 -7.18
CA ARG A 256 7.40 12.32 -7.46
C ARG A 256 6.21 12.99 -6.80
N VAL A 257 6.37 13.45 -5.56
CA VAL A 257 5.31 14.19 -4.87
C VAL A 257 5.03 15.50 -5.59
N HIS A 258 6.09 16.24 -5.93
CA HIS A 258 5.93 17.49 -6.65
C HIS A 258 5.18 17.28 -7.97
N ASP A 259 5.58 16.28 -8.74
CA ASP A 259 4.95 16.03 -10.05
C ASP A 259 3.49 15.63 -9.90
N SER A 260 3.13 14.94 -8.82
CA SER A 260 1.77 14.44 -8.66
C SER A 260 0.83 15.49 -8.09
N PHE A 261 1.33 16.43 -7.29
CA PHE A 261 0.46 17.35 -6.57
C PHE A 261 0.70 18.83 -6.87
N ILE A 262 1.91 19.23 -7.26
CA ILE A 262 2.19 20.65 -7.51
C ILE A 262 2.04 21.00 -8.99
N GLU A 263 2.82 20.36 -9.85
CA GLU A 263 2.85 20.69 -11.27
C GLU A 263 3.65 19.66 -12.04
N ASP A 264 3.28 19.43 -13.29
CA ASP A 264 4.03 18.56 -14.19
C ASP A 264 3.56 18.73 -15.63
C1 CIT B . 14.84 8.88 -2.60
O1 CIT B . 13.77 9.54 -2.60
O2 CIT B . 15.90 9.49 -2.36
C2 CIT B . 14.86 7.39 -2.86
C3 CIT B . 14.23 7.01 -4.20
O7 CIT B . 14.35 8.11 -5.13
C4 CIT B . 14.87 5.74 -4.77
C5 CIT B . 15.71 5.96 -6.03
O3 CIT B . 16.89 5.53 -6.07
O4 CIT B . 15.26 6.53 -7.04
C6 CIT B . 12.75 6.71 -3.95
O5 CIT B . 12.39 6.16 -2.89
O6 CIT B . 11.88 7.04 -4.79
N1 KH9 C . -9.81 5.61 -4.50
C7 KH9 C . -4.27 6.94 -7.86
C8 KH9 C . -5.53 7.70 -8.29
N2 KH9 C . -7.95 6.27 -5.62
C9 KH9 C . -3.11 5.42 -5.15
O1 KH9 C . -5.41 7.66 -5.93
C1 KH9 C . -11.16 3.54 -4.29
O5 KH9 C . -5.24 4.81 -0.64
C5 KH9 C . -6.37 7.63 -7.01
C6 KH9 C . -4.10 7.53 -6.46
N3 KH9 C . -3.18 6.81 -5.54
C4 KH9 C . -7.20 6.37 -6.87
O4 KH9 C . -7.50 4.52 -3.13
C3 KH9 C . -9.29 6.14 -5.62
O3 KH9 C . -5.21 9.05 -8.60
C2 KH9 C . -11.16 5.05 -4.47
N4 KH9 C . -2.09 5.15 -4.32
N KH9 C . -10.61 2.10 -2.33
C KH9 C . -11.56 3.07 -2.90
O KH9 C . -9.97 6.44 -6.60
C10 KH9 C . -1.42 6.41 -4.16
C11 KH9 C . -0.28 6.82 -3.46
C12 KH9 C . -0.62 8.95 -4.27
C13 KH9 C . -2.10 7.43 -4.92
C14 KH9 C . -4.27 4.63 -5.26
C15 KH9 C . -4.97 3.79 -5.74
C16 KH9 C . -5.96 2.81 -6.21
C17 KH9 C . -7.13 2.31 -4.06
C18 KH9 C . -6.64 3.37 -3.08
C19 KH9 C . -7.16 5.32 -2.02
C20 KH9 C . -6.57 4.41 -0.94
C21 KH9 C . -6.59 3.03 -1.59
C22 KH9 C . -9.56 5.54 -1.20
C23 KH9 C . -9.73 7.62 -0.88
C24 KH9 C . -10.07 8.95 -0.56
C25 KH9 C . -7.95 9.55 -1.25
C26 KH9 C . -8.46 7.42 -1.37
C27 KH9 C . -8.35 2.36 -6.23
C28 KH9 C . -8.46 0.90 -6.58
N10 KH9 C . -10.42 6.43 -0.78
N11 KH9 C . -11.26 9.31 -0.06
N12 KH9 C . -9.14 9.91 -0.76
N13 KH9 C . -7.51 8.34 -1.59
N5 KH9 C . 0.47 5.99 -2.73
N6 KH9 C . 0.11 8.11 -3.53
N7 KH9 C . -1.71 8.70 -4.98
N8 KH9 C . -7.21 2.82 -5.44
N9 KH9 C . -8.35 6.06 -1.57
O2 KH9 C . -3.14 7.23 -8.67
O6 KH9 C . -5.41 2.30 -1.26
O7 KH9 C . -7.41 0.16 -6.32
O8 KH9 C . -9.47 0.44 -7.09
#